data_7FPH
#
_entry.id   7FPH
#
_cell.length_a   88.761
_cell.length_b   81.907
_cell.length_c   93.515
_cell.angle_alpha   90
_cell.angle_beta   108.65
_cell.angle_gamma   90
#
_symmetry.space_group_name_H-M   'C 1 2 1'
#
loop_
_entity.id
_entity.type
_entity.pdbx_description
1 polymer 'Pre-mRNA-splicing factor 8'
2 polymer 'A1 cistron-splicing factor AAR2'
3 non-polymer (2,3,4-trimethoxyphenyl)methanol
4 water water
#
loop_
_entity_poly.entity_id
_entity_poly.type
_entity_poly.pdbx_seq_one_letter_code
_entity_poly.pdbx_strand_id
1 'polypeptide(L)'
;GAMNSSNYAELFNNDIKLFVDDTNVYRVTVHKTFEGNVATKAINGCIFTLNPKTGHLFLKIIHTSVWAGQKRLSQLAKWK
TAEEVSALVRSLPKEEQPKQIIVTRKAMLDPLEVHMLDFPNIAIRPTELRLPFSAAMSIDKLSDVVMKATEPQMVLFNIY
DDWLDRISSYTAFSRLTLLLRALKTNEESAKMILLSDPTITIKSYHLWPSFTDEQWITIESQMRDLILTEYGRKYNVNIS
ALTQTEIKDIILGQNIKA
;
A
2 'polypeptide(L)'
;GAMAMNTVPFTSAPIEVTIGIDQYSFNVKENQPFHGIKDIPIGHVHVIHFQHADNSSMRYGYWFDCRMGNFYIQYDPKDG
LYKMMEERDGAKFENIVHNFKERQMMVSYPKIDEDDTWYNLTEFVQMDKIRKIVRKDENQFSYVDSSMTTVQENELSSSS
SDPAHSLNYTVINFKSREAIRPGHEMEDFLDKSYYLNTVMLQGIFKNSSNYFGELQFAFLNAMFFGNYGSSLQWHAMIEL
ICSSATVPKHMLDKLDEILYYQIKTLPEQYSDILLNERVWNICLYSSFQKNSLHNTEKIMENKYPELL
;
B
#
loop_
_chem_comp.id
_chem_comp.type
_chem_comp.name
_chem_comp.formula
VEX non-polymer (2,3,4-trimethoxyphenyl)methanol 'C10 H14 O4'
#
# COMPACT_ATOMS: atom_id res chain seq x y z
N GLY A 1 15.97 -3.13 3.85
CA GLY A 1 15.24 -2.73 5.04
C GLY A 1 15.62 -1.34 5.50
N ALA A 2 15.34 -1.04 6.76
CA ALA A 2 15.75 0.23 7.34
C ALA A 2 17.24 0.21 7.71
N MET A 3 17.80 1.42 7.81
CA MET A 3 19.22 1.65 8.01
C MET A 3 19.43 2.17 9.43
N ASN A 4 20.34 1.54 10.17
CA ASN A 4 20.50 1.88 11.59
C ASN A 4 21.93 1.57 12.04
N SER A 5 22.15 1.64 13.37
CA SER A 5 23.47 1.42 13.94
C SER A 5 23.96 0.00 13.75
N SER A 6 23.05 -0.97 13.64
CA SER A 6 23.45 -2.36 13.52
C SER A 6 24.06 -2.65 12.16
N ASN A 7 23.64 -1.93 11.12
CA ASN A 7 24.15 -2.15 9.78
C ASN A 7 24.84 -0.91 9.23
N TYR A 8 25.60 -0.22 10.09
CA TYR A 8 26.16 1.09 9.75
C TYR A 8 27.23 0.98 8.65
N ALA A 9 27.92 -0.14 8.58
CA ALA A 9 29.07 -0.24 7.70
C ALA A 9 28.69 -0.42 6.25
N GLU A 10 27.48 -0.90 5.95
CA GLU A 10 27.08 -1.06 4.58
C GLU A 10 27.21 0.23 3.77
N LEU A 11 27.15 1.39 4.42
CA LEU A 11 27.23 2.64 3.67
C LEU A 11 28.52 2.73 2.87
N PHE A 12 29.59 2.10 3.37
CA PHE A 12 30.92 2.30 2.81
C PHE A 12 31.39 1.11 2.01
N ASN A 13 30.51 0.18 1.69
CA ASN A 13 30.85 -0.91 0.79
C ASN A 13 30.82 -0.41 -0.65
N ASN A 14 31.02 -1.33 -1.58
CA ASN A 14 31.18 -0.95 -2.96
C ASN A 14 29.87 -0.95 -3.75
N ASP A 15 28.72 -1.06 -3.08
CA ASP A 15 27.41 -0.96 -3.74
C ASP A 15 27.02 0.51 -3.79
N ILE A 16 26.80 1.03 -4.98
CA ILE A 16 26.56 2.46 -5.05
C ILE A 16 25.27 2.85 -4.33
N LYS A 17 25.32 3.87 -3.47
CA LYS A 17 24.09 4.31 -2.82
C LYS A 17 24.09 5.81 -2.53
N LEU A 18 22.88 6.36 -2.41
CA LEU A 18 22.74 7.78 -2.14
C LEU A 18 21.78 8.06 -1.00
N PHE A 19 22.14 8.99 -0.14
CA PHE A 19 21.28 9.56 0.88
C PHE A 19 20.49 10.67 0.18
N VAL A 20 19.19 10.80 0.44
CA VAL A 20 18.40 11.96 0.00
C VAL A 20 17.81 12.64 1.23
N ASP A 21 18.13 13.93 1.45
CA ASP A 21 17.51 14.71 2.49
C ASP A 21 16.72 15.84 1.84
N ASP A 22 15.46 16.01 2.26
CA ASP A 22 14.48 17.00 1.74
C ASP A 22 14.21 18.16 2.70
N THR A 23 14.90 18.26 3.84
N THR A 23 14.96 18.28 3.81
CA THR A 23 14.47 19.26 4.82
CA THR A 23 14.59 19.21 4.86
C THR A 23 14.55 20.67 4.23
C THR A 23 14.86 20.66 4.51
N ASN A 24 15.53 20.94 3.37
CA ASN A 24 15.78 22.31 2.93
C ASN A 24 15.15 22.60 1.57
N VAL A 25 14.27 21.71 1.10
CA VAL A 25 13.69 21.88 -0.20
C VAL A 25 12.71 23.05 -0.23
N TYR A 26 11.80 23.12 0.74
CA TYR A 26 10.80 24.20 0.84
C TYR A 26 11.09 25.00 2.09
N ARG A 27 11.51 26.25 1.91
CA ARG A 27 11.95 27.15 2.97
C ARG A 27 11.16 28.43 2.93
N VAL A 28 10.67 28.82 4.10
CA VAL A 28 9.81 29.98 4.19
C VAL A 28 10.27 30.89 5.32
N THR A 29 10.02 32.18 5.17
CA THR A 29 10.09 33.16 6.25
C THR A 29 8.68 33.62 6.53
N VAL A 30 8.15 33.25 7.69
CA VAL A 30 6.78 33.58 8.07
C VAL A 30 6.76 35.02 8.58
N HIS A 31 5.81 35.82 8.08
CA HIS A 31 5.77 37.24 8.40
C HIS A 31 4.33 37.70 8.62
N LYS A 32 4.17 38.99 8.92
CA LYS A 32 2.87 39.59 9.23
C LYS A 32 2.39 40.47 8.07
N THR A 33 1.15 40.25 7.65
CA THR A 33 0.54 41.09 6.62
C THR A 33 0.04 42.40 7.23
N PHE A 34 -0.08 43.42 6.36
CA PHE A 34 -0.51 44.73 6.84
C PHE A 34 -1.80 44.62 7.62
N GLU A 35 -2.68 43.70 7.23
CA GLU A 35 -3.94 43.51 7.95
C GLU A 35 -3.77 42.76 9.26
N GLY A 36 -2.52 42.42 9.64
CA GLY A 36 -2.22 41.74 10.88
C GLY A 36 -2.15 40.23 10.77
N ASN A 37 -2.54 39.64 9.65
CA ASN A 37 -2.50 38.20 9.49
C ASN A 37 -1.05 37.78 9.30
N VAL A 38 -0.86 36.52 8.96
CA VAL A 38 0.46 35.96 8.77
C VAL A 38 0.55 35.37 7.37
N ALA A 39 1.68 35.58 6.73
CA ALA A 39 1.94 35.07 5.40
C ALA A 39 3.34 34.48 5.43
N THR A 40 3.56 33.54 4.53
CA THR A 40 4.89 33.02 4.29
C THR A 40 5.40 33.68 3.01
N LYS A 41 6.73 33.83 2.95
CA LYS A 41 7.43 34.12 1.70
C LYS A 41 8.52 33.08 1.55
N ALA A 42 8.55 32.39 0.41
CA ALA A 42 9.54 31.36 0.16
C ALA A 42 10.88 31.95 -0.20
N ILE A 43 11.95 31.21 0.08
CA ILE A 43 13.29 31.47 -0.44
C ILE A 43 13.78 30.19 -1.12
N ASN A 44 14.86 30.27 -1.86
CA ASN A 44 15.33 29.12 -2.61
C ASN A 44 15.67 27.98 -1.64
N GLY A 45 15.45 26.74 -2.09
CA GLY A 45 16.00 25.59 -1.34
C GLY A 45 16.89 24.69 -2.17
N CYS A 46 17.22 23.51 -1.62
CA CYS A 46 18.09 22.58 -2.29
C CYS A 46 17.62 21.20 -1.86
N ILE A 47 17.76 20.25 -2.70
CA ILE A 47 17.75 18.83 -2.34
C ILE A 47 19.20 18.44 -2.03
N PHE A 48 19.40 17.60 -0.98
CA PHE A 48 20.75 17.24 -0.47
C PHE A 48 20.82 15.75 -0.77
N THR A 49 21.50 15.38 -1.88
CA THR A 49 21.71 14.00 -2.35
C THR A 49 23.21 13.67 -2.30
N LEU A 50 23.54 12.70 -1.49
CA LEU A 50 24.94 12.51 -1.13
C LEU A 50 25.31 11.06 -1.27
N ASN A 51 26.48 10.81 -1.88
CA ASN A 51 27.07 9.47 -1.88
C ASN A 51 27.96 9.36 -0.67
N PRO A 52 27.62 8.52 0.34
CA PRO A 52 28.35 8.53 1.60
C PRO A 52 29.76 7.99 1.44
N LYS A 53 29.99 7.20 0.39
CA LYS A 53 31.30 6.60 0.16
C LYS A 53 32.27 7.57 -0.53
N THR A 54 31.87 8.17 -1.65
CA THR A 54 32.77 9.01 -2.45
C THR A 54 32.73 10.50 -2.08
N GLY A 55 31.72 10.85 -1.30
CA GLY A 55 31.52 12.21 -0.93
C GLY A 55 30.84 13.09 -2.00
N HIS A 56 30.48 12.56 -3.16
CA HIS A 56 29.85 13.39 -4.18
C HIS A 56 28.47 13.83 -3.72
N LEU A 57 28.24 15.12 -3.81
CA LEU A 57 27.02 15.81 -3.43
C LEU A 57 26.39 16.28 -4.71
N PHE A 58 25.12 15.94 -4.90
CA PHE A 58 24.32 16.42 -6.02
C PHE A 58 23.40 17.46 -5.45
N LEU A 59 23.83 18.74 -5.50
CA LEU A 59 23.03 19.79 -4.88
C LEU A 59 22.03 20.34 -5.90
N LYS A 60 20.79 19.90 -5.83
CA LYS A 60 19.79 20.37 -6.76
C LYS A 60 19.16 21.61 -6.14
N ILE A 61 19.31 22.75 -6.78
CA ILE A 61 18.77 23.98 -6.22
C ILE A 61 17.31 24.11 -6.67
N ILE A 62 16.43 24.37 -5.69
CA ILE A 62 15.00 24.49 -5.93
C ILE A 62 14.67 25.97 -5.85
N HIS A 63 14.38 26.52 -7.01
CA HIS A 63 14.09 27.95 -7.14
C HIS A 63 12.64 28.28 -6.77
N THR A 64 12.43 29.41 -6.08
CA THR A 64 11.10 29.73 -5.57
C THR A 64 10.02 29.70 -6.65
N SER A 65 10.43 29.93 -7.90
CA SER A 65 9.48 29.95 -9.00
C SER A 65 8.76 28.62 -9.16
N VAL A 66 9.29 27.54 -8.59
N VAL A 66 9.32 27.55 -8.58
CA VAL A 66 8.66 26.23 -8.75
CA VAL A 66 8.73 26.20 -8.63
C VAL A 66 7.35 26.16 -7.97
C VAL A 66 7.38 26.16 -7.96
N TRP A 67 7.21 26.99 -6.93
CA TRP A 67 6.05 26.98 -6.08
C TRP A 67 4.99 27.92 -6.55
N ALA A 68 5.27 28.69 -7.59
CA ALA A 68 4.32 29.76 -7.97
C ALA A 68 2.95 29.17 -8.31
N GLY A 69 1.90 29.67 -7.67
CA GLY A 69 0.55 29.17 -7.95
C GLY A 69 0.23 27.73 -7.61
N GLN A 70 1.00 27.11 -6.74
CA GLN A 70 0.70 25.76 -6.27
C GLN A 70 0.14 25.77 -4.85
N LYS A 71 -0.58 24.70 -4.53
CA LYS A 71 -1.17 24.48 -3.21
C LYS A 71 -0.46 23.34 -2.47
N ARG A 72 -0.69 23.29 -1.15
CA ARG A 72 -0.20 22.21 -0.28
C ARG A 72 1.31 22.00 -0.53
N LEU A 73 2.03 23.14 -0.40
CA LEU A 73 3.45 23.16 -0.76
C LEU A 73 4.25 22.13 0.04
N SER A 74 4.00 21.99 1.34
CA SER A 74 4.82 21.02 2.08
C SER A 74 4.65 19.62 1.51
N GLN A 75 3.46 19.29 0.97
CA GLN A 75 3.28 18.00 0.31
C GLN A 75 3.89 17.98 -1.07
N LEU A 76 3.64 19.01 -1.88
CA LEU A 76 4.26 19.07 -3.19
C LEU A 76 5.77 18.92 -3.07
N ALA A 77 6.35 19.46 -2.03
CA ALA A 77 7.81 19.47 -1.93
C ALA A 77 8.43 18.08 -1.91
N LYS A 78 7.80 17.16 -1.19
CA LYS A 78 8.27 15.80 -1.24
C LYS A 78 8.15 15.18 -2.64
N TRP A 79 7.10 15.49 -3.40
CA TRP A 79 6.97 14.95 -4.76
C TRP A 79 7.93 15.60 -5.74
N LYS A 80 8.19 16.92 -5.61
CA LYS A 80 9.24 17.58 -6.42
C LYS A 80 10.62 17.00 -6.12
N THR A 81 10.93 16.86 -4.83
CA THR A 81 12.16 16.15 -4.47
C THR A 81 12.28 14.84 -5.24
N ALA A 82 11.22 13.99 -5.16
CA ALA A 82 11.24 12.66 -5.77
C ALA A 82 11.34 12.75 -7.29
N GLU A 83 10.65 13.70 -7.91
CA GLU A 83 10.82 13.84 -9.35
C GLU A 83 12.28 14.15 -9.67
N GLU A 84 12.89 15.05 -8.92
CA GLU A 84 14.25 15.50 -9.24
C GLU A 84 15.28 14.41 -8.94
N VAL A 85 15.06 13.64 -7.92
CA VAL A 85 16.00 12.53 -7.67
C VAL A 85 15.91 11.49 -8.80
N SER A 86 14.68 11.20 -9.25
N SER A 86 14.67 11.16 -9.21
CA SER A 86 14.51 10.25 -10.35
CA SER A 86 14.45 10.27 -10.35
C SER A 86 15.08 10.81 -11.65
C SER A 86 15.09 10.81 -11.62
N ALA A 87 14.97 12.13 -11.86
CA ALA A 87 15.59 12.70 -13.05
C ALA A 87 17.10 12.58 -12.95
N LEU A 88 17.64 12.75 -11.77
CA LEU A 88 19.09 12.59 -11.62
C LEU A 88 19.56 11.17 -11.92
N VAL A 89 18.88 10.17 -11.35
CA VAL A 89 19.23 8.80 -11.66
C VAL A 89 19.18 8.57 -13.15
N ARG A 90 18.07 8.97 -13.79
CA ARG A 90 17.94 8.77 -15.23
C ARG A 90 19.09 9.40 -15.98
N SER A 91 19.53 10.58 -15.53
CA SER A 91 20.64 11.25 -16.20
C SER A 91 21.96 10.50 -16.06
N LEU A 92 22.09 9.62 -15.15
CA LEU A 92 23.39 9.00 -14.89
C LEU A 92 23.61 7.75 -15.75
N PRO A 93 24.85 7.47 -16.16
CA PRO A 93 25.08 6.22 -16.85
C PRO A 93 24.70 5.00 -15.97
N LYS A 94 24.39 3.90 -16.64
CA LYS A 94 23.87 2.73 -15.94
C LYS A 94 24.80 2.35 -14.81
N GLU A 95 26.09 2.23 -15.09
CA GLU A 95 27.00 1.77 -14.04
C GLU A 95 27.16 2.82 -12.96
N GLU A 96 26.63 4.03 -13.08
CA GLU A 96 26.69 4.99 -11.98
C GLU A 96 25.38 5.06 -11.18
N GLN A 97 24.37 4.32 -11.62
CA GLN A 97 23.12 4.48 -10.93
C GLN A 97 23.16 3.71 -9.61
N PRO A 98 22.55 4.27 -8.57
CA PRO A 98 22.66 3.66 -7.26
C PRO A 98 21.88 2.35 -7.22
N LYS A 99 22.29 1.47 -6.32
N LYS A 99 22.30 1.47 -6.32
CA LYS A 99 21.50 0.27 -6.08
CA LYS A 99 21.52 0.27 -6.07
C LYS A 99 20.49 0.47 -4.96
C LYS A 99 20.50 0.48 -4.96
N GLN A 100 20.72 1.45 -4.09
CA GLN A 100 19.84 1.85 -3.03
C GLN A 100 19.84 3.37 -2.93
N ILE A 101 18.70 3.88 -2.50
CA ILE A 101 18.57 5.27 -2.11
C ILE A 101 17.97 5.29 -0.72
N ILE A 102 18.63 5.94 0.21
CA ILE A 102 18.17 6.03 1.59
C ILE A 102 17.65 7.45 1.85
N VAL A 103 16.38 7.55 2.15
CA VAL A 103 15.77 8.84 2.45
C VAL A 103 15.87 9.10 3.95
N THR A 104 16.15 10.34 4.31
CA THR A 104 16.34 10.59 5.73
C THR A 104 15.05 10.86 6.49
N ARG A 105 13.92 11.04 5.79
CA ARG A 105 12.61 11.21 6.41
C ARG A 105 11.65 10.23 5.77
N LYS A 106 10.91 9.48 6.58
CA LYS A 106 10.09 8.38 6.04
C LYS A 106 8.98 8.90 5.12
N ALA A 107 8.64 10.16 5.24
CA ALA A 107 7.58 10.68 4.38
C ALA A 107 7.95 10.70 2.89
N MET A 108 9.24 10.60 2.54
CA MET A 108 9.67 10.58 1.16
C MET A 108 9.60 9.20 0.52
N LEU A 109 9.25 8.17 1.31
CA LEU A 109 9.29 6.82 0.80
C LEU A 109 8.34 6.64 -0.37
N ASP A 110 7.06 6.96 -0.20
CA ASP A 110 6.08 6.66 -1.26
C ASP A 110 6.35 7.58 -2.46
N PRO A 111 6.61 8.86 -2.23
CA PRO A 111 6.88 9.75 -3.39
C PRO A 111 8.01 9.26 -4.27
N LEU A 112 9.08 8.77 -3.62
CA LEU A 112 10.23 8.30 -4.39
C LEU A 112 9.95 6.95 -5.01
N GLU A 113 9.33 6.05 -4.22
CA GLU A 113 8.96 4.74 -4.75
C GLU A 113 8.18 4.92 -6.04
N VAL A 114 7.22 5.85 -6.04
CA VAL A 114 6.36 6.02 -7.20
C VAL A 114 7.11 6.65 -8.38
N HIS A 115 7.95 7.66 -8.14
CA HIS A 115 8.75 8.18 -9.24
C HIS A 115 9.77 7.16 -9.75
N MET A 116 10.09 6.14 -8.99
CA MET A 116 11.17 5.23 -9.40
C MET A 116 10.61 3.90 -9.90
N LEU A 117 9.33 3.87 -10.25
CA LEU A 117 8.77 2.61 -10.70
C LEU A 117 9.57 2.02 -11.86
N ASP A 118 10.18 2.88 -12.67
CA ASP A 118 10.96 2.42 -13.80
C ASP A 118 12.25 1.72 -13.38
N PHE A 119 12.63 1.81 -12.11
CA PHE A 119 13.88 1.26 -11.58
C PHE A 119 13.53 0.29 -10.46
N PRO A 120 12.90 -0.84 -10.80
CA PRO A 120 12.49 -1.79 -9.75
C PRO A 120 13.65 -2.43 -8.99
N ASN A 121 14.86 -2.41 -9.53
CA ASN A 121 16.00 -2.97 -8.84
C ASN A 121 16.71 -1.98 -7.93
N ILE A 122 16.24 -0.74 -7.83
CA ILE A 122 16.78 0.20 -6.88
C ILE A 122 15.96 0.18 -5.60
N ALA A 123 16.57 -0.23 -4.52
CA ALA A 123 15.86 -0.30 -3.26
C ALA A 123 15.80 1.08 -2.64
N ILE A 124 14.60 1.45 -2.27
CA ILE A 124 14.31 2.67 -1.54
C ILE A 124 14.13 2.31 -0.07
N ARG A 125 14.95 2.89 0.80
CA ARG A 125 15.01 2.49 2.19
C ARG A 125 14.89 3.71 3.08
N PRO A 126 14.28 3.55 4.27
CA PRO A 126 14.42 4.59 5.30
C PRO A 126 15.59 4.31 6.23
N THR A 127 15.76 5.15 7.25
CA THR A 127 16.77 4.96 8.28
C THR A 127 16.20 5.34 9.64
N GLU A 128 16.74 4.70 10.68
N GLU A 128 16.72 4.71 10.70
CA GLU A 128 16.43 5.03 12.07
CA GLU A 128 16.35 5.13 12.05
C GLU A 128 17.34 6.12 12.63
C GLU A 128 17.33 6.15 12.63
N LEU A 129 18.44 6.44 11.96
CA LEU A 129 19.40 7.41 12.47
C LEU A 129 18.88 8.83 12.29
N ARG A 130 19.21 9.70 13.25
CA ARG A 130 18.76 11.09 13.23
C ARG A 130 19.86 12.00 12.66
N LEU A 131 20.10 11.83 11.37
CA LEU A 131 21.23 12.47 10.72
C LEU A 131 21.08 14.00 10.62
N PRO A 132 22.21 14.75 10.65
CA PRO A 132 22.09 16.22 10.75
C PRO A 132 22.11 16.94 9.40
N PHE A 133 21.59 16.33 8.32
CA PHE A 133 21.83 16.91 7.02
C PHE A 133 21.10 18.22 6.86
N SER A 134 20.08 18.46 7.70
CA SER A 134 19.36 19.75 7.67
C SER A 134 20.31 20.93 7.81
N ALA A 135 21.44 20.74 8.52
CA ALA A 135 22.40 21.82 8.73
C ALA A 135 23.27 22.11 7.50
N ALA A 136 22.98 21.48 6.37
CA ALA A 136 23.78 21.66 5.17
C ALA A 136 23.86 23.13 4.79
N MET A 137 22.82 23.86 5.08
CA MET A 137 22.77 25.27 4.74
C MET A 137 23.50 26.13 5.74
N SER A 138 24.15 25.55 6.74
CA SER A 138 25.13 26.27 7.53
C SER A 138 26.52 26.31 6.88
N ILE A 139 26.76 25.51 5.84
CA ILE A 139 28.02 25.57 5.07
C ILE A 139 27.93 26.77 4.11
N ASP A 140 28.81 27.75 4.27
CA ASP A 140 28.61 29.03 3.60
C ASP A 140 28.53 28.88 2.09
N LYS A 141 29.43 28.10 1.51
CA LYS A 141 29.46 28.01 0.06
C LYS A 141 28.22 27.34 -0.50
N LEU A 142 27.63 26.39 0.24
CA LEU A 142 26.41 25.74 -0.24
C LEU A 142 25.24 26.72 -0.08
N SER A 143 25.14 27.37 1.07
CA SER A 143 24.14 28.41 1.28
C SER A 143 24.21 29.49 0.21
N ASP A 144 25.43 29.94 -0.12
CA ASP A 144 25.57 31.08 -1.03
C ASP A 144 25.07 30.72 -2.43
N VAL A 145 25.43 29.53 -2.90
CA VAL A 145 25.05 29.13 -4.24
C VAL A 145 23.54 28.98 -4.32
N VAL A 146 22.90 28.56 -3.24
CA VAL A 146 21.42 28.42 -3.26
C VAL A 146 20.71 29.78 -3.27
N MET A 147 21.18 30.67 -2.37
N MET A 147 21.16 30.68 -2.36
N MET A 147 21.17 30.68 -2.39
CA MET A 147 20.59 31.98 -2.17
CA MET A 147 20.49 31.97 -2.23
CA MET A 147 20.49 31.96 -2.26
C MET A 147 20.79 32.89 -3.37
C MET A 147 20.69 32.83 -3.47
C MET A 147 20.70 32.83 -3.48
N LYS A 148 21.77 32.60 -4.22
CA LYS A 148 22.05 33.40 -5.41
C LYS A 148 21.41 32.90 -6.70
N ALA A 149 20.91 31.66 -6.75
CA ALA A 149 20.42 31.07 -7.99
C ALA A 149 19.19 31.83 -8.47
N THR A 150 19.13 32.04 -9.78
CA THR A 150 17.98 32.71 -10.38
C THR A 150 17.09 31.77 -11.15
N GLU A 151 17.49 30.50 -11.27
CA GLU A 151 16.83 29.50 -12.08
C GLU A 151 17.08 28.17 -11.45
N PRO A 152 16.32 27.12 -11.76
CA PRO A 152 16.72 25.79 -11.29
C PRO A 152 18.12 25.47 -11.78
N GLN A 153 18.86 24.70 -10.99
CA GLN A 153 20.29 24.56 -11.23
C GLN A 153 20.76 23.37 -10.41
N MET A 154 21.62 22.52 -10.95
CA MET A 154 22.32 21.46 -10.20
C MET A 154 23.79 21.83 -10.08
N VAL A 155 24.34 21.81 -8.86
CA VAL A 155 25.75 22.11 -8.56
C VAL A 155 26.37 20.88 -7.93
N LEU A 156 27.60 20.55 -8.32
CA LEU A 156 28.28 19.35 -7.83
C LEU A 156 29.40 19.77 -6.88
N PHE A 157 29.51 19.02 -5.79
CA PHE A 157 30.52 19.27 -4.78
C PHE A 157 31.04 17.90 -4.35
N ASN A 158 32.22 17.92 -3.81
CA ASN A 158 32.65 16.81 -2.94
C ASN A 158 32.63 17.33 -1.52
N ILE A 159 31.74 16.77 -0.69
CA ILE A 159 31.52 17.35 0.63
C ILE A 159 32.63 16.94 1.58
N TYR A 160 33.49 16.01 1.17
CA TYR A 160 34.68 15.63 1.96
C TYR A 160 35.99 16.34 1.56
N ASP A 161 35.89 17.38 0.75
CA ASP A 161 37.06 18.04 0.16
C ASP A 161 38.04 16.94 -0.23
N ASP A 162 39.30 17.01 0.23
CA ASP A 162 40.30 16.04 -0.19
C ASP A 162 40.60 14.97 0.85
N TRP A 163 39.69 14.83 1.82
CA TRP A 163 39.97 14.04 3.01
C TRP A 163 40.24 12.57 2.67
N LEU A 164 39.57 12.04 1.65
CA LEU A 164 39.76 10.63 1.30
C LEU A 164 41.16 10.31 0.87
N ASP A 165 42.01 11.30 0.58
CA ASP A 165 43.40 11.01 0.29
C ASP A 165 44.13 10.55 1.52
N ARG A 166 43.62 10.89 2.70
CA ARG A 166 44.25 10.57 3.97
C ARG A 166 43.41 9.71 4.90
N ILE A 167 42.09 9.66 4.77
CA ILE A 167 41.28 8.85 5.70
C ILE A 167 40.31 8.00 4.90
N SER A 168 39.68 7.05 5.59
CA SER A 168 38.68 6.19 4.99
C SER A 168 37.32 6.89 4.90
N SER A 169 36.45 6.36 4.07
N SER A 169 36.44 6.36 4.07
CA SER A 169 35.10 6.92 3.97
CA SER A 169 35.11 6.94 3.94
C SER A 169 34.38 6.89 5.31
C SER A 169 34.32 6.85 5.25
N TYR A 170 34.55 5.82 6.07
CA TYR A 170 33.90 5.76 7.36
C TYR A 170 34.34 6.93 8.23
N THR A 171 35.65 7.22 8.26
CA THR A 171 36.11 8.31 9.12
C THR A 171 35.60 9.63 8.57
N ALA A 172 35.47 9.69 7.26
CA ALA A 172 35.12 10.95 6.64
C ALA A 172 33.65 11.25 6.85
N PHE A 173 32.81 10.22 6.73
CA PHE A 173 31.41 10.41 7.08
C PHE A 173 31.26 10.76 8.55
N SER A 174 32.01 10.09 9.45
CA SER A 174 31.95 10.47 10.87
C SER A 174 32.34 11.93 11.11
N ARG A 175 33.39 12.39 10.43
CA ARG A 175 33.79 13.77 10.62
C ARG A 175 32.69 14.71 10.11
N LEU A 176 32.10 14.35 8.98
CA LEU A 176 31.06 15.21 8.41
C LEU A 176 29.84 15.32 9.32
N THR A 177 29.38 14.18 9.83
CA THR A 177 28.21 14.23 10.67
C THR A 177 28.54 14.88 12.00
N LEU A 178 29.75 14.82 12.46
CA LEU A 178 30.00 15.55 13.69
C LEU A 178 30.00 17.08 13.45
N LEU A 179 30.63 17.50 12.37
CA LEU A 179 30.62 18.92 12.00
C LEU A 179 29.19 19.38 11.81
N LEU A 180 28.41 18.64 11.02
CA LEU A 180 27.02 19.06 10.81
C LEU A 180 26.24 19.05 12.13
N ARG A 181 26.42 18.04 12.96
CA ARG A 181 25.72 18.03 14.24
C ARG A 181 26.09 19.25 15.08
N ALA A 182 27.35 19.64 15.08
CA ALA A 182 27.71 20.82 15.86
C ALA A 182 27.05 22.09 15.26
N LEU A 183 27.05 22.23 13.93
CA LEU A 183 26.44 23.41 13.32
C LEU A 183 24.96 23.49 13.64
N LYS A 184 24.30 22.33 13.75
CA LYS A 184 22.88 22.30 13.99
C LYS A 184 22.54 22.66 15.42
N THR A 185 23.39 22.28 16.38
N THR A 185 23.42 22.31 16.37
CA THR A 185 23.07 22.52 17.78
CA THR A 185 23.13 22.48 17.77
C THR A 185 23.42 23.95 18.18
C THR A 185 23.47 23.89 18.25
N ASN A 186 24.56 24.45 17.73
CA ASN A 186 24.94 25.85 18.01
C ASN A 186 25.74 26.31 16.79
N GLU A 187 25.05 26.87 15.80
CA GLU A 187 25.73 27.30 14.60
C GLU A 187 26.78 28.36 14.91
N GLU A 188 26.47 29.33 15.75
CA GLU A 188 27.40 30.43 15.96
C GLU A 188 28.74 29.91 16.49
N SER A 189 28.68 29.19 17.60
CA SER A 189 29.90 28.65 18.18
C SER A 189 30.63 27.73 17.21
N ALA A 190 29.88 26.84 16.55
CA ALA A 190 30.50 25.90 15.61
C ALA A 190 31.34 26.65 14.57
N LYS A 191 30.76 27.68 13.95
CA LYS A 191 31.53 28.41 12.96
C LYS A 191 32.73 29.08 13.61
N MET A 192 32.58 29.55 14.86
CA MET A 192 33.71 30.18 15.52
CA MET A 192 33.71 30.18 15.54
C MET A 192 34.89 29.22 15.62
N ILE A 193 34.63 27.95 15.93
CA ILE A 193 35.70 26.97 16.05
C ILE A 193 36.42 26.79 14.74
N LEU A 194 35.66 26.79 13.65
CA LEU A 194 36.21 26.46 12.35
C LEU A 194 37.11 27.55 11.77
N LEU A 195 36.95 28.79 12.22
CA LEU A 195 37.66 29.94 11.66
C LEU A 195 38.39 30.72 12.74
N SER A 196 38.67 30.10 13.88
CA SER A 196 39.29 30.80 14.99
C SER A 196 40.70 31.28 14.61
N ASP A 197 41.50 30.39 14.03
CA ASP A 197 42.86 30.69 13.60
C ASP A 197 42.86 31.24 12.17
N PRO A 198 43.06 32.55 11.99
CA PRO A 198 43.00 33.10 10.63
C PRO A 198 44.00 32.46 9.66
N THR A 199 44.97 31.69 10.16
CA THR A 199 46.00 31.11 9.31
C THR A 199 45.53 29.88 8.55
N ILE A 200 44.49 29.19 9.01
CA ILE A 200 43.94 28.05 8.31
C ILE A 200 42.83 28.55 7.42
N THR A 201 42.94 28.27 6.13
CA THR A 201 41.99 28.76 5.14
C THR A 201 41.30 27.61 4.42
N ILE A 202 40.25 28.04 3.72
CA ILE A 202 39.44 27.20 2.85
C ILE A 202 39.89 27.41 1.42
N LYS A 203 40.39 26.34 0.79
CA LYS A 203 40.73 26.45 -0.61
C LYS A 203 39.48 26.81 -1.41
N SER A 204 39.74 27.52 -2.50
CA SER A 204 38.66 27.96 -3.35
C SER A 204 37.85 26.79 -3.87
N TYR A 205 38.47 25.61 -4.08
CA TYR A 205 37.73 24.44 -4.51
C TYR A 205 37.26 23.55 -3.35
N HIS A 206 37.30 24.01 -2.09
CA HIS A 206 36.81 23.25 -0.94
C HIS A 206 35.72 24.02 -0.18
N LEU A 207 35.11 23.26 0.71
CA LEU A 207 34.06 23.74 1.60
C LEU A 207 34.53 23.99 3.01
N TRP A 208 35.55 23.26 3.45
CA TRP A 208 36.04 23.22 4.81
C TRP A 208 37.51 23.67 4.88
N PRO A 209 37.98 24.15 6.00
CA PRO A 209 39.35 24.64 6.10
C PRO A 209 40.38 23.54 5.86
N SER A 210 41.59 23.97 5.50
CA SER A 210 42.67 23.02 5.22
C SER A 210 43.42 22.73 6.51
N PHE A 211 42.86 21.81 7.31
CA PHE A 211 43.47 21.42 8.58
C PHE A 211 44.44 20.26 8.36
N THR A 212 45.56 20.30 9.06
CA THR A 212 46.38 19.12 9.17
C THR A 212 45.68 18.04 10.00
N ASP A 213 46.30 16.86 10.02
CA ASP A 213 45.74 15.75 10.81
C ASP A 213 45.69 16.08 12.28
N GLU A 214 46.72 16.72 12.81
CA GLU A 214 46.70 17.06 14.24
C GLU A 214 45.63 18.09 14.52
N GLN A 215 45.43 19.03 13.61
CA GLN A 215 44.49 20.12 13.83
C GLN A 215 43.06 19.64 13.73
N TRP A 216 42.79 18.66 12.86
CA TRP A 216 41.45 18.07 12.80
C TRP A 216 41.10 17.33 14.11
N ILE A 217 42.04 16.59 14.67
CA ILE A 217 41.79 15.97 15.97
C ILE A 217 41.34 17.01 16.98
N THR A 218 42.08 18.12 17.04
CA THR A 218 41.77 19.23 17.94
C THR A 218 40.42 19.84 17.60
N ILE A 219 40.13 19.99 16.30
CA ILE A 219 38.83 20.52 15.88
C ILE A 219 37.71 19.58 16.29
N GLU A 220 37.86 18.30 15.95
CA GLU A 220 36.83 17.32 16.26
C GLU A 220 36.56 17.30 17.77
N SER A 221 37.61 17.36 18.58
N SER A 221 37.62 17.29 18.58
CA SER A 221 37.44 17.40 20.03
CA SER A 221 37.46 17.42 20.03
C SER A 221 36.61 18.61 20.46
C SER A 221 36.56 18.59 20.38
N GLN A 222 36.93 19.79 19.92
CA GLN A 222 36.17 20.97 20.28
C GLN A 222 34.72 20.87 19.84
N MET A 223 34.45 20.23 18.69
CA MET A 223 33.07 20.01 18.25
C MET A 223 32.32 19.07 19.19
N ARG A 224 32.98 18.05 19.72
N ARG A 224 32.97 18.06 19.76
CA ARG A 224 32.34 17.15 20.69
CA ARG A 224 32.29 17.15 20.67
C ARG A 224 31.96 17.88 21.96
C ARG A 224 31.99 17.82 22.02
N ASP A 225 32.91 18.65 22.51
CA ASP A 225 32.61 19.47 23.69
CA ASP A 225 32.60 19.46 23.69
C ASP A 225 31.33 20.28 23.46
N LEU A 226 31.24 20.95 22.29
CA LEU A 226 30.11 21.84 22.01
C LEU A 226 28.77 21.10 22.03
N ILE A 227 28.73 19.93 21.41
CA ILE A 227 27.53 19.09 21.37
C ILE A 227 27.12 18.64 22.77
N LEU A 228 28.09 18.26 23.62
CA LEU A 228 27.76 17.91 25.01
C LEU A 228 27.31 19.14 25.79
N THR A 229 28.09 20.22 25.74
CA THR A 229 27.69 21.49 26.32
C THR A 229 26.24 21.83 26.03
N GLU A 230 25.90 22.02 24.74
CA GLU A 230 24.54 22.43 24.41
C GLU A 230 23.51 21.45 24.94
N TYR A 231 23.90 20.20 25.11
CA TYR A 231 23.01 19.21 25.71
C TYR A 231 22.83 19.42 27.20
N GLY A 232 23.85 19.92 27.88
CA GLY A 232 23.69 20.33 29.26
C GLY A 232 22.86 21.59 29.34
N ARG A 233 23.27 22.64 28.62
CA ARG A 233 22.50 23.88 28.61
C ARG A 233 21.03 23.60 28.32
N LYS A 234 20.76 22.80 27.29
CA LYS A 234 19.38 22.44 27.00
C LYS A 234 18.74 21.74 28.20
N TYR A 235 19.31 20.61 28.61
CA TYR A 235 18.70 19.79 29.66
C TYR A 235 19.19 20.11 31.06
N ASN A 236 20.25 20.91 31.21
CA ASN A 236 20.80 21.21 32.53
C ASN A 236 21.28 19.93 33.22
N VAL A 237 22.58 19.61 33.07
CA VAL A 237 23.18 18.46 33.77
C VAL A 237 24.54 18.84 34.38
N MET B 5 -38.48 -23.12 -8.45
CA MET B 5 -37.67 -23.61 -7.28
C MET B 5 -36.91 -24.89 -7.63
N ASN B 6 -35.61 -24.93 -7.36
CA ASN B 6 -34.76 -26.04 -7.78
C ASN B 6 -34.09 -26.72 -6.59
N THR B 7 -33.44 -27.84 -6.87
CA THR B 7 -33.05 -28.74 -5.79
C THR B 7 -31.64 -29.27 -6.03
N VAL B 8 -30.91 -29.38 -4.95
CA VAL B 8 -29.58 -30.01 -4.96
C VAL B 8 -29.64 -31.17 -4.00
N PRO B 9 -29.84 -32.39 -4.50
CA PRO B 9 -29.93 -33.54 -3.61
C PRO B 9 -28.52 -34.02 -3.19
N PHE B 10 -28.49 -34.69 -2.06
CA PHE B 10 -27.27 -35.26 -1.49
C PHE B 10 -27.39 -36.77 -1.45
N THR B 11 -26.39 -37.47 -2.01
CA THR B 11 -26.42 -38.92 -1.98
C THR B 11 -26.57 -39.44 -0.56
N SER B 12 -25.75 -38.93 0.35
CA SER B 12 -25.76 -39.33 1.75
C SER B 12 -24.93 -38.32 2.53
N ALA B 13 -24.91 -38.48 3.85
CA ALA B 13 -24.07 -37.66 4.73
C ALA B 13 -23.25 -38.56 5.65
N PRO B 14 -22.15 -39.12 5.13
CA PRO B 14 -21.41 -40.11 5.94
C PRO B 14 -20.58 -39.51 7.02
N ILE B 15 -20.26 -38.22 6.94
CA ILE B 15 -19.50 -37.62 8.02
C ILE B 15 -20.15 -36.36 8.53
N GLU B 16 -19.95 -36.13 9.82
CA GLU B 16 -20.58 -35.01 10.51
C GLU B 16 -20.01 -33.71 10.00
N VAL B 17 -20.88 -32.77 9.68
CA VAL B 17 -20.42 -31.65 8.88
C VAL B 17 -21.45 -30.57 9.08
N THR B 18 -20.97 -29.35 9.20
CA THR B 18 -21.84 -28.19 9.09
C THR B 18 -21.94 -27.75 7.63
N ILE B 19 -23.19 -27.63 7.15
CA ILE B 19 -23.47 -27.39 5.74
C ILE B 19 -24.09 -26.01 5.65
N GLY B 20 -23.59 -25.17 4.76
CA GLY B 20 -24.20 -23.88 4.50
C GLY B 20 -24.83 -23.82 3.13
N ILE B 21 -25.87 -23.02 2.96
CA ILE B 21 -26.31 -22.69 1.62
C ILE B 21 -26.52 -21.17 1.69
N ASP B 22 -25.76 -20.42 0.89
CA ASP B 22 -25.82 -18.95 1.00
C ASP B 22 -25.56 -18.64 2.48
N GLN B 23 -26.33 -17.77 3.07
CA GLN B 23 -26.08 -17.28 4.42
C GLN B 23 -26.73 -18.17 5.50
N TYR B 24 -27.19 -19.35 5.13
CA TYR B 24 -27.82 -20.26 6.06
C TYR B 24 -26.93 -21.48 6.28
N SER B 25 -27.15 -22.17 7.41
CA SER B 25 -26.30 -23.30 7.76
C SER B 25 -27.04 -24.21 8.75
N PHE B 26 -26.65 -25.47 8.78
CA PHE B 26 -27.26 -26.39 9.73
C PHE B 26 -26.31 -27.53 9.93
N ASN B 27 -26.37 -28.11 11.13
CA ASN B 27 -25.47 -29.18 11.57
C ASN B 27 -26.09 -30.50 11.17
N VAL B 28 -25.32 -31.36 10.52
CA VAL B 28 -25.75 -32.69 10.12
C VAL B 28 -24.85 -33.69 10.82
N LYS B 29 -25.43 -34.68 11.48
CA LYS B 29 -24.66 -35.66 12.23
C LYS B 29 -24.19 -36.80 11.33
N GLU B 30 -23.15 -37.49 11.78
CA GLU B 30 -22.60 -38.63 11.04
C GLU B 30 -23.71 -39.60 10.69
N ASN B 31 -23.85 -39.92 9.41
CA ASN B 31 -24.88 -40.83 8.90
C ASN B 31 -26.31 -40.40 9.23
N GLN B 32 -26.52 -39.16 9.66
CA GLN B 32 -27.89 -38.68 9.74
C GLN B 32 -28.53 -38.85 8.37
N PRO B 33 -29.83 -39.13 8.31
CA PRO B 33 -30.50 -39.20 7.01
C PRO B 33 -30.78 -37.83 6.43
N PHE B 34 -29.89 -37.34 5.58
CA PHE B 34 -29.98 -36.01 5.00
C PHE B 34 -29.75 -36.09 3.51
N HIS B 35 -30.73 -35.68 2.71
CA HIS B 35 -30.62 -35.92 1.27
C HIS B 35 -30.82 -34.68 0.42
N GLY B 36 -30.61 -33.51 0.99
CA GLY B 36 -30.35 -32.37 0.16
C GLY B 36 -31.20 -31.17 0.49
N ILE B 37 -31.13 -30.21 -0.41
CA ILE B 37 -31.68 -28.89 -0.14
C ILE B 37 -32.67 -28.57 -1.24
N LYS B 38 -33.88 -28.14 -0.87
CA LYS B 38 -34.93 -27.87 -1.86
C LYS B 38 -35.39 -26.41 -1.80
N ASP B 39 -36.22 -26.02 -2.78
CA ASP B 39 -36.79 -24.66 -2.87
C ASP B 39 -35.71 -23.59 -2.96
N ILE B 40 -34.67 -23.86 -3.74
CA ILE B 40 -33.56 -22.92 -3.88
C ILE B 40 -33.98 -21.84 -4.87
N PRO B 41 -34.00 -20.57 -4.50
CA PRO B 41 -34.53 -19.57 -5.44
C PRO B 41 -33.74 -19.49 -6.74
N ILE B 42 -34.47 -19.65 -7.83
CA ILE B 42 -33.93 -19.47 -9.16
C ILE B 42 -33.68 -17.98 -9.42
N GLY B 43 -32.65 -17.69 -10.20
CA GLY B 43 -32.39 -16.34 -10.64
C GLY B 43 -31.13 -15.75 -10.08
N HIS B 44 -30.50 -16.42 -9.11
CA HIS B 44 -29.31 -15.93 -8.48
C HIS B 44 -28.27 -17.04 -8.56
N VAL B 45 -27.02 -16.68 -8.33
N VAL B 45 -26.98 -16.67 -8.45
CA VAL B 45 -25.97 -17.65 -8.05
CA VAL B 45 -25.97 -17.69 -8.06
C VAL B 45 -26.01 -18.03 -6.58
C VAL B 45 -26.22 -18.14 -6.64
N HIS B 46 -25.62 -19.26 -6.26
CA HIS B 46 -25.70 -19.75 -4.90
C HIS B 46 -24.36 -20.40 -4.51
N VAL B 47 -24.13 -20.56 -3.22
CA VAL B 47 -22.94 -21.29 -2.76
C VAL B 47 -23.34 -22.31 -1.71
N ILE B 48 -22.88 -23.55 -1.87
N ILE B 48 -22.91 -23.56 -1.89
CA ILE B 48 -23.08 -24.58 -0.86
CA ILE B 48 -23.07 -24.60 -0.89
C ILE B 48 -21.71 -24.95 -0.32
C ILE B 48 -21.69 -24.93 -0.32
N HIS B 49 -21.58 -24.96 1.01
CA HIS B 49 -20.26 -24.96 1.61
C HIS B 49 -20.29 -25.82 2.85
N PHE B 50 -19.08 -26.10 3.36
CA PHE B 50 -18.91 -27.30 4.20
C PHE B 50 -17.80 -27.02 5.21
N GLN B 51 -17.99 -27.52 6.43
CA GLN B 51 -16.92 -27.46 7.42
C GLN B 51 -17.07 -28.71 8.28
N HIS B 52 -16.14 -29.65 8.16
CA HIS B 52 -16.25 -30.92 8.88
C HIS B 52 -16.17 -30.70 10.39
N ALA B 53 -16.98 -31.49 11.12
CA ALA B 53 -16.98 -31.39 12.58
C ALA B 53 -15.60 -31.69 13.13
N ASP B 54 -14.82 -32.52 12.44
CA ASP B 54 -13.62 -33.08 13.05
C ASP B 54 -12.38 -32.24 12.77
N ASN B 55 -12.33 -31.61 11.59
CA ASN B 55 -11.19 -30.81 11.18
C ASN B 55 -11.76 -29.54 10.58
N SER B 56 -11.97 -28.52 11.42
CA SER B 56 -12.43 -27.21 10.94
C SER B 56 -11.41 -26.54 10.04
N SER B 57 -10.21 -27.11 9.90
CA SER B 57 -9.33 -26.72 8.80
C SER B 57 -10.03 -26.98 7.48
N MET B 58 -9.97 -25.99 6.58
N MET B 58 -10.00 -25.96 6.61
CA MET B 58 -10.59 -26.12 5.26
CA MET B 58 -10.57 -26.07 5.27
C MET B 58 -12.12 -26.02 5.33
C MET B 58 -12.09 -26.02 5.30
N ARG B 59 -12.63 -24.80 5.34
CA ARG B 59 -13.94 -24.54 4.78
C ARG B 59 -13.81 -24.67 3.27
N TYR B 60 -14.79 -25.28 2.61
CA TYR B 60 -14.76 -25.41 1.16
C TYR B 60 -16.21 -25.40 0.70
N GLY B 61 -16.39 -25.37 -0.61
CA GLY B 61 -17.73 -25.03 -1.13
C GLY B 61 -17.79 -24.84 -2.64
N TYR B 62 -19.04 -24.71 -3.16
CA TYR B 62 -19.26 -24.72 -4.60
C TYR B 62 -20.19 -23.59 -4.94
N TRP B 63 -19.78 -22.74 -5.90
CA TRP B 63 -20.68 -21.73 -6.53
C TRP B 63 -21.38 -22.41 -7.67
N PHE B 64 -22.68 -22.14 -7.81
CA PHE B 64 -23.42 -22.74 -8.91
C PHE B 64 -24.66 -21.94 -9.25
N ASP B 65 -25.24 -22.26 -10.39
CA ASP B 65 -26.47 -21.61 -10.88
C ASP B 65 -27.33 -22.71 -11.44
N CYS B 66 -28.45 -22.99 -10.75
CA CYS B 66 -29.33 -24.10 -11.10
C CYS B 66 -29.85 -24.03 -12.51
N ARG B 67 -29.76 -22.84 -13.12
CA ARG B 67 -30.29 -22.70 -14.47
C ARG B 67 -29.37 -23.44 -15.41
N MET B 68 -28.11 -23.58 -15.02
N MET B 68 -28.10 -23.56 -15.02
CA MET B 68 -27.08 -24.09 -15.91
CA MET B 68 -27.06 -24.08 -15.89
C MET B 68 -26.94 -25.60 -15.85
C MET B 68 -26.92 -25.60 -15.84
N GLY B 69 -27.78 -26.28 -15.09
CA GLY B 69 -27.72 -27.73 -15.03
C GLY B 69 -28.30 -28.27 -13.75
N ASN B 70 -28.37 -29.61 -13.70
CA ASN B 70 -28.80 -30.34 -12.51
C ASN B 70 -27.57 -30.80 -11.72
N PHE B 71 -27.45 -30.34 -10.48
CA PHE B 71 -26.28 -30.61 -9.67
C PHE B 71 -26.67 -31.37 -8.41
N TYR B 72 -25.73 -32.19 -7.90
CA TYR B 72 -25.94 -32.93 -6.66
C TYR B 72 -24.61 -33.03 -5.91
N ILE B 73 -24.69 -33.45 -4.65
CA ILE B 73 -23.53 -33.59 -3.75
C ILE B 73 -23.38 -35.07 -3.39
N GLN B 74 -22.14 -35.55 -3.35
CA GLN B 74 -21.86 -36.93 -2.97
C GLN B 74 -20.54 -36.96 -2.22
N TYR B 75 -20.48 -37.57 -1.04
CA TYR B 75 -19.21 -37.69 -0.32
C TYR B 75 -18.26 -38.61 -1.06
N ASP B 76 -17.00 -38.19 -1.16
CA ASP B 76 -15.93 -38.99 -1.73
C ASP B 76 -15.02 -39.49 -0.59
N PRO B 77 -15.04 -40.78 -0.27
CA PRO B 77 -14.23 -41.21 0.88
C PRO B 77 -12.75 -41.37 0.56
N LYS B 78 -12.32 -41.28 -0.71
CA LYS B 78 -10.90 -41.24 -1.05
C LYS B 78 -10.31 -39.85 -0.86
N ASP B 79 -10.94 -38.82 -1.44
CA ASP B 79 -10.48 -37.45 -1.28
C ASP B 79 -11.04 -36.78 -0.04
N GLY B 80 -12.09 -37.34 0.55
CA GLY B 80 -12.47 -36.93 1.88
C GLY B 80 -13.20 -35.62 1.86
N LEU B 81 -14.00 -35.39 0.85
CA LEU B 81 -14.84 -34.20 0.87
C LEU B 81 -16.16 -34.45 0.19
N TYR B 82 -17.10 -33.57 0.51
CA TYR B 82 -18.37 -33.52 -0.20
C TYR B 82 -18.12 -32.86 -1.56
N LYS B 83 -18.39 -33.58 -2.65
CA LYS B 83 -18.05 -33.12 -3.99
C LYS B 83 -19.33 -32.75 -4.73
N MET B 84 -19.35 -31.64 -5.45
CA MET B 84 -20.49 -31.35 -6.33
C MET B 84 -20.27 -32.09 -7.64
N MET B 85 -21.33 -32.68 -8.17
CA MET B 85 -21.30 -33.31 -9.50
C MET B 85 -22.55 -32.92 -10.27
N GLU B 86 -22.44 -32.93 -11.59
CA GLU B 86 -23.59 -32.67 -12.46
C GLU B 86 -24.18 -33.98 -12.95
N GLU B 87 -25.50 -34.07 -12.92
CA GLU B 87 -26.19 -35.22 -13.49
C GLU B 87 -26.68 -34.85 -14.88
N ARG B 88 -26.28 -35.62 -15.89
CA ARG B 88 -26.71 -35.35 -17.25
C ARG B 88 -28.04 -36.03 -17.62
N ASP B 89 -28.34 -37.19 -17.01
CA ASP B 89 -29.59 -37.89 -17.28
C ASP B 89 -30.73 -37.16 -16.59
N GLY B 90 -31.60 -36.55 -17.37
CA GLY B 90 -32.58 -35.63 -16.82
C GLY B 90 -33.63 -36.30 -15.95
N ALA B 91 -34.13 -37.47 -16.39
CA ALA B 91 -35.19 -38.14 -15.66
C ALA B 91 -34.66 -38.90 -14.46
N LYS B 92 -33.42 -39.39 -14.53
CA LYS B 92 -32.78 -39.94 -13.34
C LYS B 92 -32.81 -38.93 -12.19
N PHE B 93 -32.52 -37.65 -12.49
CA PHE B 93 -32.48 -36.60 -11.47
C PHE B 93 -33.87 -36.32 -10.90
N GLU B 94 -34.85 -36.05 -11.77
CA GLU B 94 -36.18 -35.72 -11.25
C GLU B 94 -36.69 -36.83 -10.37
N ASN B 95 -36.44 -38.07 -10.77
CA ASN B 95 -36.90 -39.23 -10.01
C ASN B 95 -36.20 -39.34 -8.67
N ILE B 96 -34.90 -39.11 -8.63
CA ILE B 96 -34.16 -39.08 -7.38
C ILE B 96 -34.72 -37.99 -6.47
N VAL B 97 -34.95 -36.80 -7.04
CA VAL B 97 -35.41 -35.70 -6.20
C VAL B 97 -36.82 -36.00 -5.69
N HIS B 98 -37.70 -36.45 -6.58
CA HIS B 98 -39.10 -36.62 -6.18
C HIS B 98 -39.23 -37.66 -5.07
N ASN B 99 -38.48 -38.75 -5.17
CA ASN B 99 -38.46 -39.73 -4.08
C ASN B 99 -37.98 -39.10 -2.78
N PHE B 100 -36.97 -38.23 -2.85
CA PHE B 100 -36.43 -37.66 -1.62
C PHE B 100 -37.40 -36.68 -1.00
N LYS B 101 -38.02 -35.82 -1.82
CA LYS B 101 -39.03 -34.90 -1.32
C LYS B 101 -40.19 -35.65 -0.68
N GLU B 102 -40.61 -36.75 -1.31
CA GLU B 102 -41.72 -37.54 -0.77
C GLU B 102 -41.39 -38.04 0.63
N ARG B 103 -40.21 -38.59 0.83
CA ARG B 103 -39.84 -39.06 2.16
C ARG B 103 -39.41 -37.94 3.08
N GLN B 104 -39.46 -36.69 2.57
CA GLN B 104 -39.20 -35.46 3.33
C GLN B 104 -37.84 -35.54 4.06
N MET B 105 -36.80 -35.85 3.30
CA MET B 105 -35.44 -35.94 3.81
C MET B 105 -34.59 -34.74 3.35
N MET B 106 -35.25 -33.62 3.00
CA MET B 106 -34.56 -32.44 2.46
C MET B 106 -34.91 -31.21 3.25
N VAL B 107 -33.95 -30.30 3.48
CA VAL B 107 -34.28 -29.05 4.15
C VAL B 107 -34.70 -28.08 3.07
N SER B 108 -35.48 -27.09 3.45
CA SER B 108 -35.97 -26.06 2.56
C SER B 108 -35.06 -24.82 2.69
N TYR B 109 -34.59 -24.31 1.55
CA TYR B 109 -33.95 -23.00 1.57
C TYR B 109 -34.91 -22.03 2.25
N PRO B 110 -34.52 -21.46 3.42
CA PRO B 110 -35.50 -20.88 4.33
C PRO B 110 -35.58 -19.39 4.14
N LYS B 111 -36.05 -18.96 2.98
CA LYS B 111 -36.05 -17.54 2.66
C LYS B 111 -37.34 -16.91 3.21
N ILE B 112 -37.15 -16.06 4.22
CA ILE B 112 -38.16 -15.06 4.58
C ILE B 112 -38.47 -14.18 3.38
N ASP B 113 -39.76 -13.92 3.16
CA ASP B 113 -40.15 -13.20 1.95
C ASP B 113 -39.77 -11.71 2.01
N GLU B 114 -39.78 -11.12 3.20
CA GLU B 114 -39.32 -9.73 3.37
C GLU B 114 -37.86 -9.58 2.98
N ASP B 115 -37.12 -10.67 2.88
CA ASP B 115 -35.67 -10.63 2.92
C ASP B 115 -35.11 -10.61 1.50
N ASP B 116 -34.36 -9.55 1.20
CA ASP B 116 -33.61 -9.46 -0.05
C ASP B 116 -32.12 -9.54 0.18
N THR B 117 -31.70 -10.02 1.34
CA THR B 117 -30.28 -10.06 1.65
C THR B 117 -29.51 -10.75 0.53
N TRP B 118 -29.92 -11.92 0.11
CA TRP B 118 -29.06 -12.63 -0.84
C TRP B 118 -28.92 -11.85 -2.14
N TYR B 119 -30.04 -11.51 -2.72
CA TYR B 119 -30.00 -10.69 -3.92
C TYR B 119 -29.07 -9.51 -3.79
N ASN B 120 -29.19 -8.77 -2.68
CA ASN B 120 -28.33 -7.59 -2.50
C ASN B 120 -26.85 -7.96 -2.45
N LEU B 121 -26.50 -9.08 -1.87
CA LEU B 121 -25.09 -9.46 -1.83
C LEU B 121 -24.60 -10.00 -3.15
N THR B 122 -25.51 -10.46 -4.01
CA THR B 122 -25.13 -11.12 -5.25
C THR B 122 -25.65 -10.40 -6.48
N GLU B 123 -26.07 -9.15 -6.31
CA GLU B 123 -26.70 -8.38 -7.36
C GLU B 123 -25.96 -8.45 -8.67
N PHE B 124 -24.64 -8.28 -8.63
CA PHE B 124 -23.87 -8.17 -9.86
C PHE B 124 -23.06 -9.41 -10.16
N VAL B 125 -23.24 -10.52 -9.41
CA VAL B 125 -22.40 -11.70 -9.55
C VAL B 125 -23.02 -12.64 -10.56
N GLN B 126 -22.24 -13.04 -11.54
N GLN B 126 -22.26 -12.98 -11.58
CA GLN B 126 -22.75 -13.88 -12.62
CA GLN B 126 -22.74 -13.88 -12.63
C GLN B 126 -21.86 -15.09 -12.73
C GLN B 126 -21.87 -15.11 -12.64
N MET B 127 -22.46 -16.28 -12.88
CA MET B 127 -21.63 -17.48 -12.99
C MET B 127 -20.60 -17.34 -14.10
N ASP B 128 -20.92 -16.57 -15.14
CA ASP B 128 -19.96 -16.44 -16.24
C ASP B 128 -18.66 -15.84 -15.73
N LYS B 129 -18.76 -14.86 -14.83
CA LYS B 129 -17.56 -14.20 -14.35
C LYS B 129 -16.87 -15.04 -13.29
N ILE B 130 -17.65 -15.69 -12.41
CA ILE B 130 -17.06 -16.58 -11.39
C ILE B 130 -16.15 -17.60 -12.05
N ARG B 131 -16.58 -18.17 -13.19
CA ARG B 131 -15.84 -19.23 -13.84
C ARG B 131 -14.59 -18.71 -14.52
N LYS B 132 -14.51 -17.40 -14.74
CA LYS B 132 -13.27 -16.80 -15.22
C LYS B 132 -12.30 -16.49 -14.09
N ILE B 133 -12.77 -16.32 -12.87
CA ILE B 133 -11.89 -16.17 -11.73
C ILE B 133 -11.44 -17.54 -11.20
N VAL B 134 -12.34 -18.52 -11.16
CA VAL B 134 -12.05 -19.90 -10.78
C VAL B 134 -12.08 -20.76 -12.04
N ARG B 135 -10.89 -21.11 -12.53
CA ARG B 135 -10.77 -21.73 -13.84
C ARG B 135 -10.81 -23.24 -13.68
N LYS B 136 -11.81 -23.86 -14.31
CA LYS B 136 -11.95 -25.31 -14.30
C LYS B 136 -13.17 -25.62 -15.13
N ASP B 137 -13.00 -25.67 -16.45
CA ASP B 137 -14.13 -25.51 -17.35
C ASP B 137 -14.80 -26.83 -17.73
N GLU B 138 -14.29 -27.98 -17.27
CA GLU B 138 -15.05 -29.20 -17.38
C GLU B 138 -16.23 -29.24 -16.41
N ASN B 139 -16.33 -28.28 -15.49
CA ASN B 139 -17.48 -28.20 -14.58
C ASN B 139 -18.21 -26.87 -14.71
N GLN B 140 -19.54 -26.91 -14.57
CA GLN B 140 -20.37 -25.71 -14.60
C GLN B 140 -20.42 -24.98 -13.27
N PHE B 141 -19.88 -25.58 -12.21
CA PHE B 141 -19.86 -25.01 -10.87
C PHE B 141 -18.41 -24.81 -10.43
N SER B 142 -18.19 -24.03 -9.38
CA SER B 142 -16.85 -23.56 -9.05
C SER B 142 -16.49 -23.88 -7.62
N TYR B 143 -15.40 -24.63 -7.44
CA TYR B 143 -14.89 -24.92 -6.12
C TYR B 143 -13.97 -23.83 -5.59
N VAL B 144 -14.20 -23.45 -4.34
CA VAL B 144 -13.40 -22.48 -3.63
C VAL B 144 -13.13 -23.04 -2.23
N ASP B 145 -11.94 -22.72 -1.68
CA ASP B 145 -11.71 -23.02 -0.28
C ASP B 145 -10.80 -22.03 0.46
N SER B 146 -10.64 -22.32 1.75
CA SER B 146 -10.02 -21.43 2.72
C SER B 146 -8.62 -21.04 2.30
N SER B 147 -7.92 -21.94 1.63
CA SER B 147 -6.48 -21.83 1.49
C SER B 147 -6.09 -21.41 0.09
N MET B 148 -7.02 -21.34 -0.84
CA MET B 148 -6.63 -21.00 -2.19
C MET B 148 -6.02 -19.59 -2.25
N THR B 149 -4.88 -19.44 -2.96
CA THR B 149 -4.15 -18.16 -3.11
C THR B 149 -4.52 -17.55 -4.44
N THR B 150 -4.45 -16.23 -4.56
CA THR B 150 -4.76 -15.49 -5.81
C THR B 150 -3.58 -15.48 -6.78
N VAL B 151 -3.83 -15.16 -8.04
CA VAL B 151 -2.77 -15.04 -9.09
C VAL B 151 -1.79 -13.95 -8.65
N GLN B 152 -2.28 -12.83 -8.10
CA GLN B 152 -1.46 -11.70 -7.63
C GLN B 152 -0.56 -12.17 -6.47
N GLU B 153 -1.11 -12.99 -5.57
CA GLU B 153 -0.38 -13.51 -4.40
C GLU B 153 0.71 -14.48 -4.90
N ASN B 154 0.38 -15.31 -5.87
CA ASN B 154 1.30 -16.36 -6.38
C ASN B 154 2.50 -15.64 -7.00
N GLU B 155 2.28 -14.45 -7.54
CA GLU B 155 3.39 -13.63 -8.07
C GLU B 155 4.46 -13.40 -7.01
N LEU B 156 4.07 -12.81 -5.88
CA LEU B 156 5.01 -12.33 -4.89
C LEU B 156 5.63 -13.43 -4.02
N SER B 161 1.35 -21.61 -5.01
CA SER B 161 2.20 -21.63 -6.18
C SER B 161 1.49 -22.32 -7.35
N ASP B 162 0.51 -23.21 -7.04
CA ASP B 162 -0.15 -24.04 -8.05
C ASP B 162 -1.28 -23.32 -8.77
N PRO B 163 -1.12 -23.05 -10.07
CA PRO B 163 -2.07 -22.18 -10.75
C PRO B 163 -3.45 -22.77 -10.93
N ALA B 164 -3.57 -24.09 -11.16
CA ALA B 164 -4.87 -24.70 -11.35
C ALA B 164 -5.82 -24.42 -10.19
N HIS B 165 -5.26 -24.13 -9.02
CA HIS B 165 -6.01 -23.89 -7.79
C HIS B 165 -5.94 -22.42 -7.39
N SER B 166 -5.79 -21.52 -8.35
CA SER B 166 -5.70 -20.09 -8.11
C SER B 166 -7.06 -19.42 -8.22
N LEU B 167 -7.22 -18.30 -7.51
CA LEU B 167 -8.29 -17.32 -7.74
C LEU B 167 -7.76 -16.20 -8.64
N ASN B 168 -8.08 -16.27 -9.91
N ASN B 168 -8.06 -16.29 -9.94
CA ASN B 168 -7.53 -15.32 -10.88
CA ASN B 168 -7.57 -15.29 -10.91
C ASN B 168 -8.30 -14.00 -10.68
C ASN B 168 -8.32 -13.98 -10.67
N TYR B 169 -7.83 -13.29 -9.53
CA TYR B 169 -8.61 -11.99 -9.37
C TYR B 169 -7.95 -10.90 -10.24
N THR B 170 -8.55 -9.72 -10.32
CA THR B 170 -7.99 -8.63 -11.14
C THR B 170 -6.74 -8.18 -10.40
N VAL B 171 -5.58 -8.15 -11.06
CA VAL B 171 -4.37 -7.67 -10.34
C VAL B 171 -4.59 -6.17 -10.09
N ILE B 172 -4.41 -5.69 -8.87
CA ILE B 172 -4.53 -4.26 -8.50
C ILE B 172 -3.34 -3.86 -7.62
N ASN B 173 -2.59 -2.83 -7.98
CA ASN B 173 -1.47 -2.36 -7.11
C ASN B 173 -1.38 -0.83 -7.21
N PHE B 174 -1.46 -0.12 -6.10
CA PHE B 174 -1.46 1.35 -6.05
C PHE B 174 -0.05 1.92 -6.29
N LYS B 175 0.97 1.08 -6.33
CA LYS B 175 2.31 1.55 -6.68
C LYS B 175 2.85 0.72 -7.84
N SER B 176 2.15 0.79 -8.99
CA SER B 176 2.53 0.11 -10.21
C SER B 176 2.40 1.08 -11.38
N ARG B 177 3.09 0.75 -12.48
CA ARG B 177 2.99 1.55 -13.68
C ARG B 177 1.57 1.50 -14.24
N GLU B 178 0.86 0.39 -14.08
CA GLU B 178 -0.52 0.37 -14.58
C GLU B 178 -1.35 1.44 -13.91
N ALA B 179 -1.02 1.74 -12.66
CA ALA B 179 -1.80 2.70 -11.87
C ALA B 179 -1.38 4.15 -12.05
N ILE B 180 -0.14 4.39 -12.50
CA ILE B 180 0.48 5.71 -12.41
C ILE B 180 0.95 6.11 -13.80
N ARG B 181 0.40 7.22 -14.31
CA ARG B 181 0.80 7.71 -15.63
C ARG B 181 2.16 8.38 -15.52
N PRO B 182 3.11 8.03 -16.38
CA PRO B 182 4.37 8.78 -16.45
C PRO B 182 4.13 10.29 -16.46
N GLY B 183 4.79 10.99 -15.56
CA GLY B 183 4.64 12.43 -15.48
C GLY B 183 3.38 12.91 -14.81
N HIS B 184 2.51 12.02 -14.31
CA HIS B 184 1.40 12.41 -13.45
C HIS B 184 1.55 11.74 -12.09
N GLU B 185 2.80 11.45 -11.70
CA GLU B 185 3.03 10.57 -10.56
C GLU B 185 2.24 11.01 -9.35
N MET B 186 2.40 12.27 -8.97
CA MET B 186 1.73 12.73 -7.76
C MET B 186 0.23 12.82 -7.98
N GLU B 187 -0.17 13.32 -9.15
CA GLU B 187 -1.60 13.45 -9.44
C GLU B 187 -2.29 12.10 -9.28
N ASP B 188 -1.75 11.06 -9.93
CA ASP B 188 -2.42 9.74 -9.96
C ASP B 188 -2.32 9.00 -8.64
N PHE B 189 -1.32 9.30 -7.80
CA PHE B 189 -1.19 8.54 -6.57
C PHE B 189 -2.15 9.06 -5.51
N LEU B 190 -2.43 10.37 -5.48
CA LEU B 190 -3.30 10.95 -4.50
C LEU B 190 -4.75 11.10 -4.98
N ASP B 191 -5.01 10.83 -6.27
CA ASP B 191 -6.36 10.77 -6.87
C ASP B 191 -6.31 9.59 -7.84
N LYS B 192 -6.89 8.46 -7.51
CA LYS B 192 -6.77 7.29 -8.36
C LYS B 192 -7.80 7.29 -9.47
N SER B 193 -8.40 8.46 -9.80
CA SER B 193 -9.50 8.48 -10.74
C SER B 193 -9.11 7.87 -12.10
N TYR B 194 -7.89 8.12 -12.56
N TYR B 194 -7.90 8.16 -12.54
N TYR B 194 -7.91 8.15 -12.55
CA TYR B 194 -7.52 7.57 -13.85
CA TYR B 194 -7.42 7.60 -13.81
CA TYR B 194 -7.47 7.58 -13.83
C TYR B 194 -7.43 6.06 -13.78
C TYR B 194 -7.42 6.08 -13.77
C TYR B 194 -7.42 6.06 -13.77
N TYR B 195 -6.82 5.51 -12.72
CA TYR B 195 -6.77 4.05 -12.57
C TYR B 195 -8.20 3.49 -12.54
N LEU B 196 -9.09 4.10 -11.75
CA LEU B 196 -10.45 3.55 -11.61
C LEU B 196 -11.19 3.62 -12.94
N ASN B 197 -11.25 4.82 -13.53
CA ASN B 197 -12.18 5.13 -14.63
C ASN B 197 -11.66 4.69 -16.00
N THR B 198 -10.42 5.05 -16.33
CA THR B 198 -9.80 4.66 -17.60
C THR B 198 -9.20 3.25 -17.60
N VAL B 199 -8.35 2.90 -16.62
CA VAL B 199 -7.67 1.61 -16.69
C VAL B 199 -8.64 0.47 -16.43
N MET B 200 -9.35 0.55 -15.31
CA MET B 200 -10.17 -0.58 -14.81
C MET B 200 -11.59 -0.58 -15.40
N LEU B 201 -12.37 0.47 -15.13
CA LEU B 201 -13.74 0.50 -15.64
C LEU B 201 -13.75 0.43 -17.17
N GLN B 202 -13.21 1.44 -17.84
N GLN B 202 -13.21 1.44 -17.84
CA GLN B 202 -13.25 1.45 -19.31
CA GLN B 202 -13.26 1.44 -19.30
C GLN B 202 -12.40 0.34 -19.88
C GLN B 202 -12.40 0.33 -19.89
N GLY B 203 -11.18 0.18 -19.37
CA GLY B 203 -10.31 -0.82 -19.92
C GLY B 203 -10.58 -2.28 -19.68
N ILE B 204 -10.67 -2.66 -18.41
CA ILE B 204 -10.58 -4.07 -18.03
C ILE B 204 -11.97 -4.64 -17.77
N PHE B 205 -12.72 -4.01 -16.88
CA PHE B 205 -14.05 -4.49 -16.52
C PHE B 205 -15.13 -4.11 -17.53
N LYS B 206 -14.95 -3.02 -18.27
CA LYS B 206 -15.87 -2.55 -19.29
C LYS B 206 -17.07 -1.73 -18.78
N ASN B 207 -17.67 -2.13 -17.66
CA ASN B 207 -18.73 -1.36 -17.03
C ASN B 207 -18.62 -1.58 -15.53
N SER B 208 -19.39 -0.79 -14.76
CA SER B 208 -19.30 -0.87 -13.31
C SER B 208 -19.87 -2.18 -12.80
N SER B 209 -20.81 -2.78 -13.54
CA SER B 209 -21.49 -3.98 -13.06
C SER B 209 -20.51 -5.15 -12.88
N ASN B 210 -19.65 -5.38 -13.89
CA ASN B 210 -18.56 -6.36 -13.77
C ASN B 210 -17.60 -6.05 -12.62
N TYR B 211 -17.26 -4.77 -12.43
CA TYR B 211 -16.41 -4.40 -11.30
C TYR B 211 -17.10 -4.74 -10.00
N PHE B 212 -18.36 -4.37 -9.87
CA PHE B 212 -19.06 -4.66 -8.62
C PHE B 212 -19.23 -6.14 -8.43
N GLY B 213 -19.40 -6.89 -9.51
CA GLY B 213 -19.55 -8.32 -9.36
C GLY B 213 -18.30 -8.96 -8.80
N GLU B 214 -17.14 -8.56 -9.29
CA GLU B 214 -15.92 -9.12 -8.71
C GLU B 214 -15.78 -8.77 -7.24
N LEU B 215 -15.87 -7.46 -6.93
CA LEU B 215 -16.01 -6.99 -5.56
C LEU B 215 -16.96 -7.80 -4.68
N GLN B 216 -18.19 -8.08 -5.15
CA GLN B 216 -19.10 -8.81 -4.28
C GLN B 216 -18.64 -10.27 -4.06
N PHE B 217 -18.12 -10.87 -5.13
CA PHE B 217 -17.75 -12.27 -5.08
C PHE B 217 -16.52 -12.45 -4.19
N ALA B 218 -15.58 -11.47 -4.23
CA ALA B 218 -14.45 -11.43 -3.30
C ALA B 218 -14.95 -11.31 -1.88
N PHE B 219 -15.92 -10.46 -1.62
CA PHE B 219 -16.33 -10.39 -0.22
C PHE B 219 -16.88 -11.74 0.25
N LEU B 220 -17.59 -12.42 -0.64
CA LEU B 220 -18.35 -13.59 -0.23
C LEU B 220 -17.42 -14.76 0.05
N ASN B 221 -16.31 -14.85 -0.70
CA ASN B 221 -15.31 -15.87 -0.47
CA ASN B 221 -15.30 -15.87 -0.47
C ASN B 221 -14.54 -15.60 0.83
N ALA B 222 -14.28 -14.32 1.11
CA ALA B 222 -13.73 -13.90 2.39
C ALA B 222 -14.63 -14.37 3.52
N MET B 223 -15.91 -14.01 3.45
CA MET B 223 -16.78 -14.28 4.58
C MET B 223 -17.08 -15.75 4.72
N PHE B 224 -17.33 -16.45 3.61
CA PHE B 224 -17.80 -17.82 3.75
C PHE B 224 -16.67 -18.78 3.99
N PHE B 225 -15.49 -18.52 3.40
CA PHE B 225 -14.33 -19.42 3.52
C PHE B 225 -13.14 -18.80 4.27
N GLY B 226 -13.27 -17.58 4.76
CA GLY B 226 -12.13 -16.89 5.37
C GLY B 226 -10.88 -16.87 4.50
N ASN B 227 -11.08 -16.78 3.19
CA ASN B 227 -10.00 -16.69 2.20
C ASN B 227 -9.33 -15.32 2.28
N TYR B 228 -8.10 -15.27 2.82
CA TYR B 228 -7.39 -14.02 3.19
C TYR B 228 -7.22 -13.08 2.00
N GLY B 229 -6.85 -13.64 0.86
CA GLY B 229 -6.63 -12.91 -0.39
C GLY B 229 -7.90 -12.24 -0.84
N SER B 230 -9.03 -12.94 -0.70
CA SER B 230 -10.37 -12.45 -1.12
C SER B 230 -10.70 -11.19 -0.32
N SER B 231 -10.34 -11.20 0.95
CA SER B 231 -10.47 -10.07 1.87
C SER B 231 -9.55 -8.95 1.37
N LEU B 232 -8.30 -9.24 1.00
CA LEU B 232 -7.37 -8.21 0.49
C LEU B 232 -7.94 -7.59 -0.80
N GLN B 233 -8.47 -8.39 -1.72
CA GLN B 233 -9.01 -7.91 -3.02
C GLN B 233 -10.25 -7.06 -2.79
N TRP B 234 -11.12 -7.56 -1.92
CA TRP B 234 -12.40 -6.88 -1.61
C TRP B 234 -12.06 -5.50 -1.08
N HIS B 235 -11.14 -5.44 -0.13
CA HIS B 235 -10.67 -4.20 0.53
C HIS B 235 -10.04 -3.24 -0.47
N ALA B 236 -9.24 -3.78 -1.38
CA ALA B 236 -8.48 -3.01 -2.37
C ALA B 236 -9.44 -2.33 -3.33
N MET B 237 -10.41 -3.08 -3.83
CA MET B 237 -11.35 -2.56 -4.83
C MET B 237 -12.07 -1.38 -4.18
N ILE B 238 -12.60 -1.52 -3.02
CA ILE B 238 -13.25 -0.45 -2.28
C ILE B 238 -12.34 0.75 -2.22
N GLU B 239 -11.07 0.49 -1.88
CA GLU B 239 -10.12 1.56 -1.68
C GLU B 239 -9.89 2.29 -2.97
N LEU B 240 -9.86 1.59 -4.13
CA LEU B 240 -9.66 2.28 -5.41
C LEU B 240 -10.82 3.25 -5.69
N ILE B 241 -12.05 2.91 -5.25
CA ILE B 241 -13.18 3.83 -5.44
C ILE B 241 -13.13 5.00 -4.44
N CYS B 242 -12.95 4.70 -3.17
CA CYS B 242 -12.98 5.76 -2.18
C CYS B 242 -11.88 6.76 -2.40
N SER B 243 -10.74 6.31 -2.93
CA SER B 243 -9.61 7.19 -3.18
C SER B 243 -9.64 7.82 -4.57
N SER B 244 -10.76 7.76 -5.29
CA SER B 244 -10.92 8.43 -6.56
C SER B 244 -11.75 9.68 -6.34
N ALA B 245 -11.24 10.83 -6.81
CA ALA B 245 -12.00 12.07 -6.64
C ALA B 245 -13.19 12.11 -7.59
N THR B 246 -13.09 11.43 -8.73
CA THR B 246 -14.11 11.47 -9.78
C THR B 246 -14.67 10.06 -9.99
N VAL B 247 -15.85 9.84 -9.45
CA VAL B 247 -16.58 8.58 -9.62
C VAL B 247 -18.01 8.82 -10.14
N PRO B 248 -18.46 8.09 -11.18
CA PRO B 248 -19.84 8.23 -11.64
C PRO B 248 -20.85 8.20 -10.50
N LYS B 249 -21.84 9.10 -10.59
CA LYS B 249 -22.81 9.25 -9.51
C LYS B 249 -23.48 7.94 -9.19
N HIS B 250 -23.70 7.11 -10.22
CA HIS B 250 -24.49 5.91 -10.04
C HIS B 250 -23.70 4.82 -9.36
N MET B 251 -22.38 4.83 -9.55
CA MET B 251 -21.52 3.92 -8.81
C MET B 251 -21.50 4.28 -7.33
N LEU B 252 -21.35 5.56 -7.00
CA LEU B 252 -21.26 5.97 -5.61
C LEU B 252 -22.50 5.54 -4.83
N ASP B 253 -23.68 5.88 -5.35
CA ASP B 253 -24.87 5.44 -4.61
C ASP B 253 -24.99 3.91 -4.50
N LYS B 254 -24.70 3.18 -5.57
CA LYS B 254 -24.78 1.73 -5.49
C LYS B 254 -23.73 1.18 -4.52
N LEU B 255 -22.54 1.76 -4.52
CA LEU B 255 -21.51 1.26 -3.60
C LEU B 255 -22.00 1.29 -2.15
N ASP B 256 -22.73 2.35 -1.77
CA ASP B 256 -23.17 2.50 -0.40
C ASP B 256 -24.09 1.35 -0.07
N GLU B 257 -24.93 0.98 -1.03
CA GLU B 257 -25.85 -0.14 -0.83
C GLU B 257 -25.09 -1.46 -0.68
N ILE B 258 -24.21 -1.74 -1.62
CA ILE B 258 -23.42 -2.98 -1.62
C ILE B 258 -22.72 -3.19 -0.29
N LEU B 259 -21.95 -2.21 0.12
CA LEU B 259 -21.18 -2.35 1.33
C LEU B 259 -22.09 -2.49 2.54
N TYR B 260 -23.21 -1.76 2.53
CA TYR B 260 -24.15 -1.81 3.65
C TYR B 260 -24.56 -3.25 3.96
N TYR B 261 -24.90 -4.00 2.93
CA TYR B 261 -25.38 -5.35 3.16
C TYR B 261 -24.25 -6.33 3.48
N GLN B 262 -23.05 -6.07 2.97
CA GLN B 262 -21.93 -6.91 3.36
C GLN B 262 -21.62 -6.71 4.83
N ILE B 263 -21.54 -5.46 5.27
CA ILE B 263 -21.31 -5.19 6.68
C ILE B 263 -22.48 -5.74 7.51
N LYS B 264 -23.70 -5.63 6.99
CA LYS B 264 -24.84 -6.14 7.76
C LYS B 264 -24.75 -7.66 7.93
N THR B 265 -24.23 -8.36 6.92
CA THR B 265 -24.33 -9.80 6.90
C THR B 265 -23.18 -10.44 7.68
N LEU B 266 -22.07 -9.72 7.83
CA LEU B 266 -20.90 -10.30 8.48
C LEU B 266 -21.22 -10.77 9.90
N PRO B 267 -20.76 -11.95 10.30
CA PRO B 267 -20.82 -12.34 11.71
C PRO B 267 -20.13 -11.31 12.59
N GLU B 268 -20.73 -11.06 13.76
CA GLU B 268 -20.28 -9.99 14.63
C GLU B 268 -18.97 -10.31 15.33
N GLN B 269 -18.63 -11.59 15.45
CA GLN B 269 -17.40 -12.00 16.10
C GLN B 269 -16.30 -12.33 15.10
N TYR B 270 -16.55 -12.15 13.80
CA TYR B 270 -15.54 -12.32 12.77
C TYR B 270 -14.98 -10.98 12.28
N SER B 271 -15.38 -9.87 12.92
CA SER B 271 -14.94 -8.56 12.45
C SER B 271 -13.43 -8.39 12.60
N ASP B 272 -12.80 -9.10 13.54
CA ASP B 272 -11.38 -8.84 13.81
C ASP B 272 -10.50 -9.25 12.64
N ILE B 273 -10.89 -10.25 11.86
CA ILE B 273 -10.00 -10.82 10.86
C ILE B 273 -10.35 -10.39 9.44
N LEU B 274 -11.65 -10.22 9.17
CA LEU B 274 -12.10 -9.92 7.82
C LEU B 274 -12.16 -8.43 7.50
N LEU B 275 -11.81 -7.54 8.43
CA LEU B 275 -11.96 -6.12 8.21
C LEU B 275 -10.64 -5.41 8.47
N ASN B 276 -10.23 -4.58 7.52
CA ASN B 276 -8.95 -3.88 7.59
C ASN B 276 -9.16 -2.46 8.10
N GLU B 277 -8.58 -2.17 9.26
CA GLU B 277 -8.76 -0.86 9.89
C GLU B 277 -8.42 0.29 8.95
N ARG B 278 -7.23 0.24 8.35
CA ARG B 278 -6.75 1.36 7.53
C ARG B 278 -7.75 1.71 6.44
N VAL B 279 -8.23 0.68 5.73
CA VAL B 279 -9.08 0.92 4.56
C VAL B 279 -10.37 1.61 4.99
N TRP B 280 -10.99 1.09 6.06
CA TRP B 280 -12.31 1.61 6.43
C TRP B 280 -12.20 3.02 6.98
N ASN B 281 -11.19 3.31 7.80
CA ASN B 281 -11.05 4.68 8.29
C ASN B 281 -10.82 5.64 7.12
N ILE B 282 -9.91 5.26 6.22
CA ILE B 282 -9.65 6.08 5.04
C ILE B 282 -10.93 6.27 4.23
N CYS B 283 -11.62 5.17 3.92
CA CYS B 283 -12.77 5.24 3.03
C CYS B 283 -13.89 6.08 3.64
N LEU B 284 -14.07 5.98 4.95
CA LEU B 284 -15.21 6.62 5.57
C LEU B 284 -14.93 8.01 6.11
N TYR B 285 -13.65 8.36 6.34
CA TYR B 285 -13.36 9.56 7.10
C TYR B 285 -12.40 10.51 6.39
N SER B 286 -11.52 9.97 5.55
CA SER B 286 -10.46 10.79 4.95
C SER B 286 -10.50 10.86 3.43
N SER B 287 -11.15 9.94 2.75
CA SER B 287 -11.07 9.87 1.31
C SER B 287 -11.98 10.91 0.67
N PHE B 288 -11.94 10.96 -0.66
CA PHE B 288 -12.76 11.88 -1.42
C PHE B 288 -14.24 11.63 -1.16
N GLN B 289 -14.58 10.36 -1.00
CA GLN B 289 -15.96 9.89 -0.87
C GLN B 289 -16.34 9.66 0.59
N LYS B 290 -15.66 10.35 1.51
CA LYS B 290 -15.98 10.24 2.94
C LYS B 290 -17.43 10.59 3.23
N ASN B 291 -18.08 11.34 2.34
CA ASN B 291 -19.42 11.81 2.56
C ASN B 291 -20.45 11.10 1.70
N SER B 292 -20.04 10.14 0.89
CA SER B 292 -20.94 9.50 -0.07
C SER B 292 -21.33 8.08 0.34
N LEU B 293 -21.06 7.68 1.58
CA LEU B 293 -21.32 6.32 2.05
C LEU B 293 -22.10 6.41 3.35
N HIS B 294 -23.25 7.08 3.29
CA HIS B 294 -24.01 7.40 4.50
C HIS B 294 -24.52 6.13 5.18
N ASN B 295 -25.19 5.27 4.43
CA ASN B 295 -25.70 4.02 4.98
C ASN B 295 -24.57 3.18 5.53
N THR B 296 -23.52 2.97 4.74
CA THR B 296 -22.39 2.12 5.18
C THR B 296 -21.73 2.71 6.42
N GLU B 297 -21.49 4.03 6.43
CA GLU B 297 -20.91 4.69 7.59
C GLU B 297 -21.80 4.49 8.83
N LYS B 298 -23.11 4.72 8.68
CA LYS B 298 -23.99 4.56 9.83
C LYS B 298 -23.89 3.16 10.43
N ILE B 299 -23.98 2.13 9.58
CA ILE B 299 -24.00 0.79 10.14
C ILE B 299 -22.64 0.40 10.68
N MET B 300 -21.54 0.97 10.17
CA MET B 300 -20.22 0.66 10.72
C MET B 300 -20.04 1.25 12.12
N GLU B 301 -20.59 2.45 12.35
CA GLU B 301 -20.46 3.12 13.65
C GLU B 301 -21.27 2.46 14.74
N ASN B 302 -22.51 2.06 14.46
CA ASN B 302 -23.34 1.45 15.49
C ASN B 302 -22.92 0.01 15.79
N LYS B 303 -22.29 -0.65 14.84
CA LYS B 303 -22.00 -2.08 14.93
C LYS B 303 -20.54 -2.39 15.16
N TYR B 304 -19.61 -1.58 14.65
CA TYR B 304 -18.17 -1.80 14.88
C TYR B 304 -17.46 -0.48 15.18
N PRO B 305 -17.90 0.25 16.21
CA PRO B 305 -17.17 1.48 16.56
C PRO B 305 -15.78 1.21 17.15
N GLU B 306 -15.53 0.01 17.68
CA GLU B 306 -14.22 -0.28 18.24
C GLU B 306 -13.13 -0.09 17.19
N LEU B 307 -13.42 -0.49 15.95
CA LEU B 307 -12.44 -0.42 14.88
C LEU B 307 -12.03 1.00 14.54
N LEU B 308 -12.85 1.99 14.90
CA LEU B 308 -12.62 3.37 14.47
C LEU B 308 -12.23 4.25 15.66
C7 VEX C . -2.94 -5.15 -3.42
C8 VEX C . -5.48 -6.45 -4.33
C9 VEX C . -5.15 -10.12 -3.93
O1 VEX C . -3.36 -5.89 -2.42
C1 VEX C . -2.04 -7.75 -2.56
C5 VEX C . -4.26 -7.92 -3.16
C6 VEX C . -3.22 -7.17 -2.73
C4 VEX C . -4.09 -9.27 -3.40
C3 VEX C . -2.87 -9.86 -3.21
O3 VEX C . -4.70 -10.99 -4.81
C2 VEX C . -1.85 -9.10 -2.79
O2 VEX C . -5.46 -7.36 -3.35
O VEX C . -1.00 -7.02 -2.17
C VEX C . -0.42 -6.45 -3.26
#